data_4OPW
#
_entry.id   4OPW
#
_cell.length_a   59.860
_cell.length_b   70.850
_cell.length_c   118.830
_cell.angle_alpha   90.000
_cell.angle_beta   90.000
_cell.angle_gamma   90.000
#
_symmetry.space_group_name_H-M   'P 21 21 21'
#
loop_
_entity.id
_entity.type
_entity.pdbx_description
1 polymer 'Uncharacterized protein'
2 non-polymer 1,2-ETHANEDIOL
3 water water
#
_entity_poly.entity_id   1
_entity_poly.type   'polypeptide(L)'
_entity_poly.pdbx_seq_one_letter_code
;GADHVKGNGKLSTKKITIDDFNAIKFDGVIDFNYEQSESTPHIEITVDENLHPYVNIDIQDRVLTVGFKGAKVDHFTKFI
VKTNSKWLKEVKASGNANFIANSPLKGDELKINANSNCLVQLKQKVEVGKLDLNVSGSAN(MSE)VVNELKTDKLECSIN
GSGTINLKAGNAEEADYSITTDGEI(MSE)AFGVAVPEVNCKITGKGSAQIHPTDNLKATIVGKGNIRYKGPTAVQQKVI
GKGTVEEVK
;
_entity_poly.pdbx_strand_id   A,B
#
loop_
_chem_comp.id
_chem_comp.type
_chem_comp.name
_chem_comp.formula
EDO non-polymer 1,2-ETHANEDIOL 'C2 H6 O2'
#
# COMPACT_ATOMS: atom_id res chain seq x y z
N GLY A 1 -33.70 38.03 15.08
CA GLY A 1 -33.50 36.76 14.40
C GLY A 1 -32.67 35.76 15.18
N ALA A 2 -32.14 34.75 14.47
CA ALA A 2 -31.32 33.67 15.05
C ALA A 2 -30.06 34.24 15.72
N ASP A 3 -29.80 33.78 16.95
CA ASP A 3 -28.63 34.20 17.67
C ASP A 3 -27.38 33.68 16.98
N HIS A 4 -26.31 34.45 17.01
CA HIS A 4 -25.03 33.95 16.55
C HIS A 4 -24.40 33.37 17.78
N VAL A 5 -23.94 32.12 17.71
CA VAL A 5 -23.29 31.51 18.87
C VAL A 5 -21.89 31.02 18.47
N LYS A 6 -21.09 30.66 19.46
CA LYS A 6 -19.79 30.07 19.18
C LYS A 6 -19.44 29.11 20.28
N GLY A 7 -18.65 28.11 19.94
CA GLY A 7 -18.19 27.12 20.91
C GLY A 7 -17.35 27.73 22.02
N ASN A 8 -17.56 27.24 23.26
CA ASN A 8 -16.83 27.73 24.43
C ASN A 8 -15.47 27.00 24.60
N GLY A 9 -15.13 26.13 23.63
CA GLY A 9 -13.85 25.42 23.63
C GLY A 9 -13.73 24.21 24.52
N LYS A 10 -14.82 23.84 25.24
CA LYS A 10 -14.83 22.68 26.12
C LYS A 10 -15.67 21.58 25.50
N LEU A 11 -14.99 20.61 24.88
CA LEU A 11 -15.67 19.50 24.23
C LEU A 11 -16.36 18.59 25.23
N SER A 12 -17.54 18.10 24.87
CA SER A 12 -18.28 17.12 25.67
C SER A 12 -18.95 16.14 24.71
N THR A 13 -19.12 14.90 25.16
CA THR A 13 -19.72 13.86 24.36
C THR A 13 -21.08 13.44 24.95
N LYS A 14 -22.11 13.36 24.08
CA LYS A 14 -23.44 12.88 24.44
C LYS A 14 -23.82 11.72 23.52
N LYS A 15 -24.35 10.65 24.12
CA LYS A 15 -24.74 9.46 23.40
C LYS A 15 -26.23 9.18 23.62
N ILE A 16 -26.96 9.03 22.52
CA ILE A 16 -28.40 8.76 22.59
C ILE A 16 -28.73 7.65 21.62
N THR A 17 -29.94 7.10 21.74
CA THR A 17 -30.41 6.11 20.77
C THR A 17 -30.78 6.88 19.51
N ILE A 18 -30.75 6.18 18.37
CA ILE A 18 -31.15 6.78 17.10
C ILE A 18 -32.06 5.81 16.35
N ASP A 19 -33.02 6.38 15.58
CA ASP A 19 -33.94 5.62 14.73
C ASP A 19 -33.18 4.98 13.58
N ASP A 20 -33.87 4.10 12.81
CA ASP A 20 -33.26 3.44 11.66
C ASP A 20 -33.05 4.42 10.52
N PHE A 21 -31.86 4.35 9.91
CA PHE A 21 -31.53 5.12 8.71
C PHE A 21 -30.76 4.22 7.75
N ASN A 22 -30.86 4.48 6.44
CA ASN A 22 -30.09 3.70 5.46
C ASN A 22 -29.35 4.66 4.50
N ALA A 23 -29.40 5.98 4.79
CA ALA A 23 -28.77 7.00 3.97
C ALA A 23 -28.33 8.12 4.85
N ILE A 24 -27.19 8.74 4.50
CA ILE A 24 -26.59 9.81 5.30
C ILE A 24 -26.34 11.04 4.43
N LYS A 25 -26.63 12.23 4.97
CA LYS A 25 -26.37 13.51 4.32
C LYS A 25 -25.85 14.50 5.33
N PHE A 26 -24.72 15.14 5.04
CA PHE A 26 -24.20 16.18 5.94
C PHE A 26 -23.27 17.10 5.17
N ASP A 27 -23.13 18.32 5.66
CA ASP A 27 -22.34 19.37 5.03
C ASP A 27 -21.67 20.17 6.10
N GLY A 28 -20.34 20.15 6.14
CA GLY A 28 -19.58 20.91 7.13
C GLY A 28 -18.38 20.12 7.60
N VAL A 29 -17.53 20.77 8.41
CA VAL A 29 -16.30 20.15 8.87
C VAL A 29 -16.62 19.24 10.08
N ILE A 30 -17.17 18.06 9.74
CA ILE A 30 -17.62 17.05 10.71
C ILE A 30 -16.83 15.79 10.49
N ASP A 31 -16.34 15.17 11.58
CA ASP A 31 -15.70 13.87 11.53
C ASP A 31 -16.79 12.85 11.74
N PHE A 32 -17.24 12.19 10.67
CA PHE A 32 -18.37 11.25 10.75
C PHE A 32 -17.87 9.81 10.67
N ASN A 33 -18.00 9.06 11.78
CA ASN A 33 -17.55 7.68 11.94
C ASN A 33 -18.74 6.74 11.91
N TYR A 34 -18.77 5.86 10.92
CA TYR A 34 -19.88 4.95 10.71
C TYR A 34 -19.49 3.50 10.77
N GLU A 35 -20.40 2.69 11.31
CA GLU A 35 -20.25 1.24 11.31
CA GLU A 35 -20.26 1.24 11.33
C GLU A 35 -21.57 0.60 10.94
N GLN A 36 -21.50 -0.43 10.11
CA GLN A 36 -22.68 -1.20 9.70
CA GLN A 36 -22.66 -1.21 9.69
C GLN A 36 -22.79 -2.39 10.64
N SER A 37 -23.89 -2.48 11.40
CA SER A 37 -24.08 -3.55 12.36
C SER A 37 -25.54 -3.76 12.70
N GLU A 38 -25.85 -4.88 13.37
CA GLU A 38 -27.20 -5.24 13.81
C GLU A 38 -27.48 -4.77 15.26
N SER A 39 -26.45 -4.21 15.93
CA SER A 39 -26.51 -3.67 17.30
C SER A 39 -27.51 -2.51 17.39
N THR A 40 -28.18 -2.36 18.56
CA THR A 40 -29.11 -1.25 18.81
C THR A 40 -28.48 0.08 18.32
N PRO A 41 -29.07 0.79 17.36
CA PRO A 41 -28.41 2.00 16.85
C PRO A 41 -28.37 3.13 17.87
N HIS A 42 -27.17 3.72 17.96
CA HIS A 42 -26.89 4.88 18.78
C HIS A 42 -26.20 5.95 17.93
N ILE A 43 -26.25 7.19 18.43
CA ILE A 43 -25.51 8.31 17.84
C ILE A 43 -24.77 9.00 18.98
N GLU A 44 -23.47 9.18 18.79
CA GLU A 44 -22.59 9.81 19.77
C GLU A 44 -22.05 11.09 19.14
N ILE A 45 -22.30 12.23 19.81
CA ILE A 45 -21.90 13.56 19.34
C ILE A 45 -20.89 14.18 20.29
N THR A 46 -19.75 14.62 19.72
CA THR A 46 -18.74 15.39 20.45
C THR A 46 -18.69 16.79 19.82
N VAL A 47 -18.95 17.82 20.62
CA VAL A 47 -18.92 19.21 20.16
C VAL A 47 -18.73 20.09 21.41
N ASP A 48 -18.44 21.39 21.24
CA ASP A 48 -18.33 22.26 22.42
C ASP A 48 -19.59 22.08 23.27
N GLU A 49 -19.42 21.93 24.59
CA GLU A 49 -20.58 21.63 25.46
C GLU A 49 -21.78 22.58 25.25
N ASN A 50 -21.54 23.89 25.05
CA ASN A 50 -22.64 24.86 24.89
C ASN A 50 -23.33 24.76 23.52
N LEU A 51 -22.79 23.93 22.59
CA LEU A 51 -23.37 23.82 21.25
C LEU A 51 -24.30 22.61 21.09
N HIS A 52 -24.33 21.68 22.06
CA HIS A 52 -25.22 20.50 21.97
C HIS A 52 -26.71 20.88 21.71
N PRO A 53 -27.25 22.01 22.27
CA PRO A 53 -28.67 22.35 21.98
C PRO A 53 -28.91 22.66 20.51
N TYR A 54 -27.86 23.00 19.74
CA TYR A 54 -27.97 23.37 18.33
C TYR A 54 -27.64 22.20 17.40
N VAL A 55 -27.29 21.04 17.95
CA VAL A 55 -26.97 19.87 17.13
C VAL A 55 -28.28 19.30 16.54
N ASN A 56 -28.32 19.25 15.19
CA ASN A 56 -29.48 18.73 14.45
C ASN A 56 -29.25 17.28 14.04
N ILE A 57 -30.11 16.36 14.51
CA ILE A 57 -30.14 14.94 14.15
C ILE A 57 -31.54 14.73 13.65
N ASP A 58 -31.71 14.56 12.34
CA ASP A 58 -33.06 14.43 11.80
C ASP A 58 -33.14 13.30 10.79
N ILE A 59 -34.11 12.40 10.97
CA ILE A 59 -34.30 11.28 10.03
C ILE A 59 -35.66 11.46 9.35
N GLN A 60 -35.63 11.53 8.01
CA GLN A 60 -36.83 11.64 7.17
C GLN A 60 -36.76 10.57 6.11
N ASP A 61 -37.75 9.65 6.06
CA ASP A 61 -37.78 8.56 5.09
C ASP A 61 -36.43 7.78 5.09
N ARG A 62 -35.95 7.45 6.31
CA ARG A 62 -34.71 6.70 6.60
C ARG A 62 -33.43 7.45 6.10
N VAL A 63 -33.53 8.76 5.82
CA VAL A 63 -32.36 9.58 5.45
C VAL A 63 -31.95 10.37 6.68
N LEU A 64 -30.74 10.14 7.15
CA LEU A 64 -30.22 10.86 8.30
C LEU A 64 -29.47 12.10 7.84
N THR A 65 -29.84 13.26 8.40
CA THR A 65 -29.13 14.53 8.22
C THR A 65 -28.55 14.94 9.57
N VAL A 66 -27.27 15.33 9.59
CA VAL A 66 -26.63 15.85 10.81
C VAL A 66 -26.04 17.22 10.48
N GLY A 67 -26.18 18.17 11.39
CA GLY A 67 -25.58 19.50 11.26
C GLY A 67 -26.02 20.36 12.44
N PHE A 68 -26.19 21.65 12.19
CA PHE A 68 -26.69 22.58 13.22
C PHE A 68 -28.07 23.11 12.86
N LYS A 69 -28.81 23.57 13.88
CA LYS A 69 -30.15 24.16 13.78
CA LYS A 69 -30.15 24.16 13.77
C LYS A 69 -30.35 25.15 14.91
N GLY A 70 -31.29 26.08 14.75
CA GLY A 70 -31.67 27.03 15.81
C GLY A 70 -30.82 28.23 16.11
N ALA A 71 -29.66 28.33 15.47
CA ALA A 71 -28.71 29.45 15.61
C ALA A 71 -27.68 29.35 14.53
N LYS A 72 -26.98 30.46 14.27
CA LYS A 72 -25.88 30.47 13.31
C LYS A 72 -24.62 30.18 14.14
N VAL A 73 -23.91 29.07 13.86
CA VAL A 73 -22.73 28.73 14.66
C VAL A 73 -21.52 29.36 13.96
N ASP A 74 -20.98 30.40 14.55
CA ASP A 74 -19.84 31.12 13.96
C ASP A 74 -18.54 30.34 14.04
N HIS A 75 -18.41 29.51 15.08
CA HIS A 75 -17.21 28.68 15.28
C HIS A 75 -17.50 27.54 16.23
N PHE A 76 -16.95 26.37 15.91
CA PHE A 76 -16.97 25.22 16.80
C PHE A 76 -15.55 24.66 16.88
N THR A 77 -15.20 24.01 17.99
CA THR A 77 -13.84 23.48 18.19
C THR A 77 -13.62 22.20 17.35
N LYS A 78 -14.57 21.27 17.47
CA LYS A 78 -14.56 20.00 16.74
C LYS A 78 -15.98 19.48 16.74
N PHE A 79 -16.34 18.68 15.74
CA PHE A 79 -17.69 18.12 15.65
C PHE A 79 -17.52 16.67 15.18
N ILE A 80 -17.66 15.71 16.12
CA ILE A 80 -17.50 14.29 15.83
C ILE A 80 -18.84 13.59 15.96
N VAL A 81 -19.15 12.76 14.96
CA VAL A 81 -20.36 11.94 14.93
C VAL A 81 -19.91 10.48 14.88
N LYS A 82 -20.43 9.65 15.80
CA LYS A 82 -20.18 8.20 15.78
C LYS A 82 -21.54 7.51 15.77
N THR A 83 -21.88 6.76 14.70
CA THR A 83 -23.21 6.13 14.67
C THR A 83 -23.16 4.81 13.89
N ASN A 84 -24.24 4.04 13.92
CA ASN A 84 -24.32 2.76 13.24
C ASN A 84 -25.74 2.54 12.72
N SER A 85 -25.87 1.65 11.73
CA SER A 85 -27.16 1.24 11.18
C SER A 85 -27.02 -0.15 10.60
N LYS A 86 -28.14 -0.84 10.41
CA LYS A 86 -28.09 -2.18 9.83
C LYS A 86 -27.76 -2.12 8.32
N TRP A 87 -28.29 -1.10 7.65
CA TRP A 87 -28.15 -0.93 6.20
C TRP A 87 -27.64 0.46 5.84
N LEU A 88 -26.90 0.54 4.73
CA LEU A 88 -26.42 1.82 4.21
C LEU A 88 -26.39 1.76 2.68
N LYS A 89 -27.24 2.56 2.02
CA LYS A 89 -27.29 2.54 0.56
C LYS A 89 -26.71 3.83 -0.04
N GLU A 90 -26.55 4.88 0.77
CA GLU A 90 -26.13 6.17 0.20
C GLU A 90 -25.48 7.07 1.22
N VAL A 91 -24.45 7.81 0.75
CA VAL A 91 -23.78 8.83 1.55
C VAL A 91 -23.59 10.05 0.68
N LYS A 92 -24.02 11.23 1.18
CA LYS A 92 -23.81 12.52 0.52
CA LYS A 92 -23.75 12.50 0.51
C LYS A 92 -23.00 13.36 1.50
N ALA A 93 -21.72 13.62 1.20
CA ALA A 93 -20.84 14.38 2.07
C ALA A 93 -20.33 15.62 1.34
N SER A 94 -20.32 16.77 2.05
CA SER A 94 -19.91 18.07 1.51
C SER A 94 -19.21 18.89 2.57
N GLY A 95 -18.54 19.95 2.15
CA GLY A 95 -17.97 20.96 3.03
C GLY A 95 -16.82 20.58 3.92
N ASN A 96 -15.87 19.81 3.36
CA ASN A 96 -14.63 19.44 4.02
C ASN A 96 -14.86 18.54 5.24
N ALA A 97 -15.90 17.69 5.16
CA ALA A 97 -16.19 16.66 6.15
C ALA A 97 -15.23 15.47 5.98
N ASN A 98 -15.11 14.67 7.03
N ASN A 98 -15.07 14.60 7.00
CA ASN A 98 -14.39 13.43 7.02
CA ASN A 98 -14.28 13.36 6.85
C ASN A 98 -15.42 12.32 7.23
C ASN A 98 -15.15 12.16 7.24
N PHE A 99 -15.68 11.48 6.21
CA PHE A 99 -16.57 10.32 6.38
C PHE A 99 -15.70 9.08 6.43
N ILE A 100 -15.80 8.31 7.52
CA ILE A 100 -15.03 7.08 7.65
C ILE A 100 -15.97 5.91 7.95
N ALA A 101 -15.90 4.84 7.13
CA ALA A 101 -16.64 3.60 7.40
C ALA A 101 -15.63 2.64 8.06
N ASN A 102 -15.85 2.31 9.34
CA ASN A 102 -14.95 1.45 10.15
C ASN A 102 -15.41 0.01 10.25
N SER A 103 -16.23 -0.40 9.29
CA SER A 103 -16.72 -1.77 9.21
C SER A 103 -16.80 -2.18 7.76
N PRO A 104 -16.92 -3.49 7.46
CA PRO A 104 -17.25 -3.87 6.09
C PRO A 104 -18.64 -3.33 5.73
N LEU A 105 -18.92 -3.17 4.44
CA LEU A 105 -20.20 -2.67 3.95
C LEU A 105 -20.80 -3.64 2.95
N LYS A 106 -22.10 -3.89 3.08
CA LYS A 106 -22.77 -4.84 2.18
C LYS A 106 -24.11 -4.25 1.74
N GLY A 107 -24.70 -4.83 0.72
CA GLY A 107 -26.00 -4.38 0.21
C GLY A 107 -26.10 -4.47 -1.29
N ASP A 108 -27.31 -4.28 -1.81
CA ASP A 108 -27.54 -4.33 -3.26
C ASP A 108 -26.79 -3.19 -3.95
N GLU A 109 -26.81 -1.98 -3.34
CA GLU A 109 -26.20 -0.80 -3.93
CA GLU A 109 -26.18 -0.81 -3.93
C GLU A 109 -25.63 0.14 -2.88
N LEU A 110 -24.51 0.77 -3.22
CA LEU A 110 -23.93 1.80 -2.37
C LEU A 110 -23.54 2.96 -3.29
N LYS A 111 -24.17 4.11 -3.06
CA LYS A 111 -23.89 5.33 -3.83
C LYS A 111 -23.29 6.37 -2.92
N ILE A 112 -22.13 6.91 -3.31
CA ILE A 112 -21.46 7.94 -2.53
C ILE A 112 -21.19 9.17 -3.40
N ASN A 113 -21.62 10.33 -2.92
N ASN A 113 -21.63 10.33 -2.93
CA ASN A 113 -21.38 11.63 -3.57
CA ASN A 113 -21.37 11.62 -3.57
C ASN A 113 -20.54 12.47 -2.63
C ASN A 113 -20.53 12.44 -2.61
N ALA A 114 -19.27 12.73 -3.00
CA ALA A 114 -18.33 13.46 -2.16
C ALA A 114 -18.04 14.77 -2.86
N ASN A 115 -18.39 15.88 -2.19
CA ASN A 115 -18.22 17.21 -2.77
C ASN A 115 -17.39 18.11 -1.91
N SER A 116 -17.09 19.31 -2.46
CA SER A 116 -16.43 20.42 -1.79
C SER A 116 -15.44 19.99 -0.69
N ASN A 117 -14.29 19.42 -1.11
CA ASN A 117 -13.12 19.09 -0.29
C ASN A 117 -13.28 18.00 0.77
N CYS A 118 -14.37 17.23 0.72
N CYS A 118 -14.40 17.29 0.80
CA CYS A 118 -14.58 16.13 1.66
CA CYS A 118 -14.53 16.26 1.82
C CYS A 118 -13.52 15.05 1.50
C CYS A 118 -13.63 15.05 1.51
N LEU A 119 -13.39 14.21 2.54
CA LEU A 119 -12.56 13.02 2.49
C LEU A 119 -13.45 11.86 2.88
N VAL A 120 -13.59 10.86 1.99
CA VAL A 120 -14.37 9.65 2.26
C VAL A 120 -13.41 8.48 2.30
N GLN A 121 -13.38 7.74 3.42
CA GLN A 121 -12.51 6.58 3.58
C GLN A 121 -13.34 5.36 3.93
N LEU A 122 -13.39 4.37 3.01
CA LEU A 122 -14.09 3.11 3.25
C LEU A 122 -12.98 2.14 3.60
N LYS A 123 -12.72 1.95 4.90
CA LYS A 123 -11.52 1.25 5.38
C LYS A 123 -11.58 -0.28 5.33
N GLN A 124 -12.78 -0.88 5.24
CA GLN A 124 -12.92 -2.34 5.20
C GLN A 124 -13.71 -2.78 3.97
N LYS A 125 -13.68 -4.08 3.65
CA LYS A 125 -14.24 -4.59 2.40
C LYS A 125 -15.70 -4.14 2.15
N VAL A 126 -15.89 -3.58 0.96
CA VAL A 126 -17.20 -3.16 0.43
C VAL A 126 -17.64 -4.26 -0.55
N GLU A 127 -18.74 -4.97 -0.24
CA GLU A 127 -19.23 -6.04 -1.12
C GLU A 127 -20.67 -5.71 -1.46
N VAL A 128 -20.89 -5.16 -2.67
CA VAL A 128 -22.21 -4.71 -3.12
C VAL A 128 -22.46 -5.12 -4.55
N GLY A 129 -23.72 -5.10 -4.98
CA GLY A 129 -24.07 -5.39 -6.36
C GLY A 129 -23.64 -4.26 -7.28
N LYS A 130 -23.82 -3.02 -6.85
CA LYS A 130 -23.44 -1.85 -7.63
C LYS A 130 -22.79 -0.81 -6.72
N LEU A 131 -21.61 -0.31 -7.12
CA LEU A 131 -20.88 0.71 -6.35
C LEU A 131 -20.77 1.93 -7.22
N ASP A 132 -21.41 3.02 -6.79
CA ASP A 132 -21.51 4.24 -7.57
C ASP A 132 -20.85 5.39 -6.82
N LEU A 133 -19.64 5.76 -7.26
CA LEU A 133 -18.82 6.77 -6.62
C LEU A 133 -18.69 8.02 -7.45
N ASN A 134 -18.96 9.16 -6.83
CA ASN A 134 -18.93 10.46 -7.49
C ASN A 134 -18.17 11.45 -6.66
N VAL A 135 -17.20 12.13 -7.30
CA VAL A 135 -16.41 13.14 -6.61
C VAL A 135 -16.48 14.46 -7.39
N SER A 136 -16.51 15.58 -6.66
CA SER A 136 -16.42 16.91 -7.27
C SER A 136 -15.82 17.88 -6.25
N GLY A 137 -15.49 19.09 -6.69
CA GLY A 137 -14.98 20.16 -5.82
C GLY A 137 -13.78 19.78 -4.99
N SER A 138 -12.83 19.05 -5.60
CA SER A 138 -11.55 18.64 -4.99
C SER A 138 -11.73 17.72 -3.80
N ALA A 139 -12.88 17.01 -3.71
CA ALA A 139 -13.05 16.00 -2.69
C ALA A 139 -12.16 14.79 -3.02
N ASN A 140 -11.91 13.92 -2.02
CA ASN A 140 -11.06 12.75 -2.21
C ASN A 140 -11.72 11.53 -1.62
N MSE A 141 -11.56 10.39 -2.28
CA MSE A 141 -12.13 9.17 -1.77
C MSE A 141 -11.09 8.06 -1.79
O MSE A 141 -10.31 7.95 -2.74
CB MSE A 141 -13.35 8.76 -2.59
CG MSE A 141 -14.20 7.75 -1.86
SE MSE A 141 -15.69 7.43 -3.06
CE MSE A 141 -16.48 8.90 -3.16
N VAL A 142 -11.04 7.27 -0.71
CA VAL A 142 -10.13 6.13 -0.60
C VAL A 142 -10.95 4.90 -0.24
N VAL A 143 -10.91 3.87 -1.10
CA VAL A 143 -11.62 2.60 -0.88
C VAL A 143 -10.55 1.52 -0.79
N ASN A 144 -10.38 0.93 0.40
CA ASN A 144 -9.33 -0.06 0.62
C ASN A 144 -9.54 -1.36 -0.17
N GLU A 145 -10.79 -1.84 -0.26
CA GLU A 145 -11.06 -3.11 -0.94
C GLU A 145 -12.52 -3.16 -1.33
N LEU A 146 -12.80 -3.52 -2.59
CA LEU A 146 -14.17 -3.63 -3.10
C LEU A 146 -14.40 -4.93 -3.92
N LYS A 147 -15.65 -5.39 -3.91
CA LYS A 147 -16.12 -6.55 -4.67
C LYS A 147 -17.49 -6.17 -5.16
N THR A 148 -17.63 -5.97 -6.46
CA THR A 148 -18.92 -5.54 -7.00
C THR A 148 -19.18 -6.14 -8.39
N ASP A 149 -20.43 -6.04 -8.85
CA ASP A 149 -20.78 -6.46 -10.20
CA ASP A 149 -20.80 -6.45 -10.20
C ASP A 149 -20.54 -5.25 -11.10
N LYS A 150 -21.23 -4.13 -10.84
CA LYS A 150 -21.07 -2.90 -11.58
C LYS A 150 -20.38 -1.84 -10.74
N LEU A 151 -19.30 -1.25 -11.29
CA LEU A 151 -18.58 -0.14 -10.66
C LEU A 151 -18.72 1.10 -11.52
N GLU A 152 -19.13 2.21 -10.92
CA GLU A 152 -19.24 3.51 -11.58
C GLU A 152 -18.43 4.50 -10.78
N CYS A 153 -17.47 5.14 -11.47
N CYS A 153 -17.48 5.17 -11.44
CA CYS A 153 -16.58 6.11 -10.90
CA CYS A 153 -16.53 6.01 -10.76
C CYS A 153 -16.60 7.34 -11.75
C CYS A 153 -16.31 7.31 -11.57
N SER A 154 -16.92 8.44 -11.11
CA SER A 154 -16.92 9.71 -11.83
C SER A 154 -16.34 10.84 -11.03
N ILE A 155 -15.51 11.66 -11.71
CA ILE A 155 -14.94 12.89 -11.13
C ILE A 155 -15.36 14.05 -12.01
N ASN A 156 -15.83 15.17 -11.40
CA ASN A 156 -16.20 16.40 -12.13
C ASN A 156 -15.51 17.60 -11.51
N GLY A 157 -14.84 18.40 -12.33
CA GLY A 157 -14.12 19.59 -11.89
C GLY A 157 -12.74 19.29 -11.39
N SER A 158 -12.65 18.54 -10.28
CA SER A 158 -11.39 18.15 -9.65
C SER A 158 -11.67 17.18 -8.53
N GLY A 159 -10.62 16.50 -8.11
CA GLY A 159 -10.71 15.56 -7.00
C GLY A 159 -10.09 14.22 -7.35
N THR A 160 -10.05 13.30 -6.37
CA THR A 160 -9.40 12.01 -6.61
C THR A 160 -10.23 10.84 -6.07
N ILE A 161 -10.10 9.69 -6.72
CA ILE A 161 -10.74 8.43 -6.29
C ILE A 161 -9.63 7.37 -6.31
N ASN A 162 -9.29 6.85 -5.14
CA ASN A 162 -8.27 5.82 -5.02
C ASN A 162 -8.92 4.52 -4.60
N LEU A 163 -8.93 3.54 -5.50
CA LEU A 163 -9.52 2.19 -5.29
C LEU A 163 -8.35 1.25 -5.20
N LYS A 164 -7.92 0.98 -3.97
CA LYS A 164 -6.69 0.24 -3.68
C LYS A 164 -6.67 -1.22 -4.13
N ALA A 165 -7.79 -1.96 -3.99
CA ALA A 165 -7.82 -3.38 -4.31
C ALA A 165 -9.21 -3.85 -4.60
N GLY A 166 -9.30 -5.00 -5.28
CA GLY A 166 -10.60 -5.59 -5.52
C GLY A 166 -10.93 -6.03 -6.92
N ASN A 167 -12.23 -6.25 -7.15
CA ASN A 167 -12.78 -6.77 -8.39
C ASN A 167 -14.13 -6.20 -8.73
N ALA A 168 -14.35 -5.95 -10.01
CA ALA A 168 -15.65 -5.54 -10.57
C ALA A 168 -15.86 -6.32 -11.85
N GLU A 169 -17.11 -6.60 -12.23
CA GLU A 169 -17.36 -7.32 -13.48
C GLU A 169 -17.33 -6.34 -14.65
N GLU A 170 -17.84 -5.11 -14.41
CA GLU A 170 -17.89 -4.00 -15.36
C GLU A 170 -17.56 -2.72 -14.63
N ALA A 171 -16.82 -1.81 -15.28
CA ALA A 171 -16.55 -0.52 -14.67
C ALA A 171 -16.68 0.60 -15.68
N ASP A 172 -17.31 1.71 -15.26
CA ASP A 172 -17.41 2.93 -16.03
C ASP A 172 -16.63 3.98 -15.29
N TYR A 173 -15.49 4.39 -15.85
CA TYR A 173 -14.63 5.42 -15.25
C TYR A 173 -14.75 6.69 -16.05
N SER A 174 -14.99 7.83 -15.39
N SER A 174 -14.99 7.83 -15.39
CA SER A 174 -15.11 9.09 -16.12
CA SER A 174 -15.13 9.09 -16.12
C SER A 174 -14.47 10.24 -15.34
C SER A 174 -14.49 10.24 -15.35
N ILE A 175 -13.76 11.12 -16.08
CA ILE A 175 -13.12 12.33 -15.54
C ILE A 175 -13.55 13.48 -16.45
N THR A 176 -14.09 14.57 -15.87
CA THR A 176 -14.51 15.74 -16.64
C THR A 176 -13.86 16.97 -16.01
N THR A 177 -13.18 17.80 -16.86
CA THR A 177 -12.40 19.03 -16.52
C THR A 177 -11.05 18.61 -15.97
N ASP A 178 -11.01 17.91 -14.83
CA ASP A 178 -9.76 17.44 -14.19
C ASP A 178 -10.08 16.46 -13.09
N GLY A 179 -9.07 15.72 -12.64
CA GLY A 179 -9.22 14.73 -11.60
C GLY A 179 -8.32 13.53 -11.79
N GLU A 180 -8.20 12.69 -10.75
CA GLU A 180 -7.35 11.51 -10.79
C GLU A 180 -8.08 10.28 -10.31
N ILE A 181 -8.08 9.24 -11.12
CA ILE A 181 -8.60 7.94 -10.69
C ILE A 181 -7.38 7.03 -10.54
N MSE A 182 -7.19 6.45 -9.34
CA MSE A 182 -6.10 5.51 -9.06
CA MSE A 182 -6.08 5.50 -9.09
C MSE A 182 -6.73 4.15 -8.82
O MSE A 182 -7.19 3.86 -7.70
CB MSE A 182 -5.26 5.98 -7.87
CB MSE A 182 -5.16 5.97 -7.95
CG MSE A 182 -4.37 7.18 -8.17
CG MSE A 182 -4.60 7.38 -8.16
SE MSE A 182 -3.96 8.18 -6.55
SE MSE A 182 -5.82 8.69 -7.39
CE MSE A 182 -5.66 9.09 -6.34
CE MSE A 182 -4.87 9.03 -5.69
N ALA A 183 -6.87 3.33 -9.89
CA ALA A 183 -7.53 2.04 -9.80
C ALA A 183 -6.76 0.91 -10.49
N PHE A 184 -5.39 0.93 -10.42
CA PHE A 184 -4.61 -0.21 -10.94
C PHE A 184 -4.91 -1.50 -10.12
N GLY A 185 -5.28 -1.32 -8.86
CA GLY A 185 -5.56 -2.43 -7.95
C GLY A 185 -6.88 -3.16 -8.14
N VAL A 186 -7.79 -2.61 -8.97
CA VAL A 186 -9.10 -3.22 -9.19
C VAL A 186 -9.12 -3.91 -10.57
N ALA A 187 -9.17 -5.24 -10.55
CA ALA A 187 -9.25 -6.01 -11.79
C ALA A 187 -10.70 -6.03 -12.29
N VAL A 188 -10.90 -5.63 -13.55
CA VAL A 188 -12.22 -5.56 -14.18
C VAL A 188 -12.16 -6.13 -15.60
N PRO A 189 -12.99 -7.13 -15.98
CA PRO A 189 -12.95 -7.62 -17.38
C PRO A 189 -13.39 -6.59 -18.43
N GLU A 190 -14.52 -5.86 -18.20
CA GLU A 190 -15.08 -4.88 -19.16
CA GLU A 190 -15.07 -4.90 -19.16
C GLU A 190 -14.99 -3.46 -18.62
N VAL A 191 -14.12 -2.63 -19.23
CA VAL A 191 -13.94 -1.25 -18.77
C VAL A 191 -14.28 -0.25 -19.85
N ASN A 192 -14.97 0.83 -19.45
N ASN A 192 -14.96 0.83 -19.45
CA ASN A 192 -15.26 2.01 -20.25
CA ASN A 192 -15.24 2.01 -20.23
C ASN A 192 -14.58 3.19 -19.54
C ASN A 192 -14.55 3.16 -19.51
N CYS A 193 -13.65 3.88 -20.20
CA CYS A 193 -12.93 5.01 -19.56
C CYS A 193 -12.98 6.23 -20.45
N LYS A 194 -13.44 7.35 -19.89
N LYS A 194 -13.44 7.34 -19.88
CA LYS A 194 -13.59 8.59 -20.65
CA LYS A 194 -13.59 8.59 -20.59
C LYS A 194 -13.04 9.78 -19.89
C LYS A 194 -12.95 9.74 -19.84
N ILE A 195 -12.18 10.59 -20.56
CA ILE A 195 -11.61 11.82 -20.00
C ILE A 195 -11.94 12.96 -20.95
N THR A 196 -12.58 14.04 -20.42
CA THR A 196 -12.91 15.24 -21.19
C THR A 196 -12.23 16.39 -20.44
N GLY A 197 -11.15 16.92 -21.02
CA GLY A 197 -10.34 17.98 -20.43
C GLY A 197 -9.05 17.36 -19.92
N LYS A 198 -8.61 17.76 -18.73
CA LYS A 198 -7.40 17.22 -18.12
C LYS A 198 -7.74 16.04 -17.23
N GLY A 199 -6.72 15.35 -16.78
CA GLY A 199 -6.92 14.27 -15.84
C GLY A 199 -6.05 13.06 -16.05
N SER A 200 -6.15 12.14 -15.12
CA SER A 200 -5.33 10.93 -15.12
C SER A 200 -6.13 9.77 -14.60
N ALA A 201 -6.23 8.70 -15.40
CA ALA A 201 -6.90 7.49 -14.96
C ALA A 201 -5.93 6.33 -15.03
N GLN A 202 -5.77 5.60 -13.91
CA GLN A 202 -4.94 4.39 -13.78
C GLN A 202 -5.90 3.24 -13.61
N ILE A 203 -5.97 2.33 -14.57
CA ILE A 203 -7.01 1.30 -14.56
C ILE A 203 -6.44 -0.08 -14.88
N HIS A 204 -7.22 -1.14 -14.56
CA HIS A 204 -6.76 -2.52 -14.78
C HIS A 204 -7.83 -3.37 -15.48
N PRO A 205 -8.09 -3.09 -16.80
CA PRO A 205 -9.02 -3.95 -17.58
C PRO A 205 -8.38 -5.31 -17.81
N THR A 206 -9.14 -6.42 -17.69
CA THR A 206 -8.55 -7.75 -17.88
C THR A 206 -9.08 -8.45 -19.14
N ASP A 207 -9.97 -7.80 -19.91
CA ASP A 207 -10.45 -8.40 -21.15
C ASP A 207 -10.61 -7.35 -22.24
N ASN A 208 -11.43 -6.30 -21.96
CA ASN A 208 -11.64 -5.25 -22.95
CA ASN A 208 -11.66 -5.24 -22.94
C ASN A 208 -11.71 -3.88 -22.33
N LEU A 209 -11.16 -2.91 -23.05
CA LEU A 209 -11.16 -1.52 -22.65
C LEU A 209 -11.63 -0.65 -23.81
N LYS A 210 -12.64 0.18 -23.54
CA LYS A 210 -13.12 1.19 -24.48
CA LYS A 210 -13.13 1.20 -24.48
C LYS A 210 -12.68 2.54 -23.91
N ALA A 211 -11.76 3.22 -24.60
CA ALA A 211 -11.19 4.49 -24.12
C ALA A 211 -11.53 5.66 -25.02
N THR A 212 -11.97 6.76 -24.39
CA THR A 212 -12.29 8.00 -25.11
C THR A 212 -11.63 9.18 -24.41
N ILE A 213 -10.84 9.96 -25.15
CA ILE A 213 -10.20 11.16 -24.62
C ILE A 213 -10.48 12.33 -25.51
N VAL A 214 -10.88 13.49 -24.92
CA VAL A 214 -11.01 14.77 -25.62
C VAL A 214 -10.25 15.76 -24.75
N GLY A 215 -9.02 16.09 -25.13
CA GLY A 215 -8.15 16.98 -24.36
C GLY A 215 -6.80 16.40 -24.04
N LYS A 216 -6.18 16.86 -22.93
CA LYS A 216 -4.82 16.48 -22.48
C LYS A 216 -4.78 15.32 -21.47
N GLY A 217 -5.94 14.86 -21.03
CA GLY A 217 -6.04 13.77 -20.07
C GLY A 217 -5.41 12.48 -20.53
N ASN A 218 -4.86 11.70 -19.60
CA ASN A 218 -4.17 10.46 -19.93
C ASN A 218 -4.80 9.25 -19.27
N ILE A 219 -4.88 8.15 -20.02
CA ILE A 219 -5.35 6.87 -19.53
C ILE A 219 -4.15 5.92 -19.51
N ARG A 220 -3.87 5.36 -18.33
CA ARG A 220 -2.77 4.38 -18.21
C ARG A 220 -3.38 3.09 -17.73
N TYR A 221 -3.14 1.98 -18.43
CA TYR A 221 -3.77 0.73 -18.04
C TYR A 221 -2.78 -0.40 -17.86
N LYS A 222 -3.17 -1.37 -17.02
CA LYS A 222 -2.41 -2.62 -16.87
C LYS A 222 -3.26 -3.70 -17.46
N GLY A 223 -2.70 -4.50 -18.34
CA GLY A 223 -3.46 -5.55 -18.98
C GLY A 223 -3.03 -6.93 -18.54
N PRO A 224 -2.94 -7.90 -19.47
CA PRO A 224 -3.29 -7.79 -20.91
C PRO A 224 -4.77 -7.50 -21.14
N THR A 225 -5.08 -6.67 -22.16
CA THR A 225 -6.48 -6.35 -22.53
C THR A 225 -6.54 -5.86 -23.95
N ALA A 226 -7.67 -6.12 -24.63
CA ALA A 226 -7.93 -5.57 -25.96
C ALA A 226 -8.33 -4.11 -25.75
N VAL A 227 -7.93 -3.22 -26.67
CA VAL A 227 -8.23 -1.80 -26.50
C VAL A 227 -8.84 -1.22 -27.79
N GLN A 228 -9.96 -0.51 -27.66
CA GLN A 228 -10.58 0.28 -28.71
C GLN A 228 -10.56 1.73 -28.20
N GLN A 229 -9.90 2.63 -28.92
CA GLN A 229 -9.78 4.01 -28.43
C GLN A 229 -10.12 5.04 -29.48
N LYS A 230 -10.48 6.24 -29.01
CA LYS A 230 -10.70 7.42 -29.83
C LYS A 230 -10.18 8.59 -29.04
N VAL A 231 -9.07 9.16 -29.50
CA VAL A 231 -8.40 10.27 -28.83
C VAL A 231 -8.34 11.49 -29.75
N ILE A 232 -8.82 12.62 -29.23
CA ILE A 232 -8.75 13.95 -29.84
C ILE A 232 -8.07 14.82 -28.78
N GLY A 233 -6.86 15.26 -29.09
CA GLY A 233 -6.08 16.07 -28.16
C GLY A 233 -4.68 15.51 -27.96
N LYS A 234 -3.94 16.10 -27.02
CA LYS A 234 -2.56 15.70 -26.72
C LYS A 234 -2.48 14.51 -25.76
N GLY A 235 -3.61 14.19 -25.10
CA GLY A 235 -3.66 13.07 -24.16
C GLY A 235 -3.49 11.73 -24.86
N THR A 236 -3.09 10.68 -24.14
CA THR A 236 -2.89 9.36 -24.76
C THR A 236 -3.42 8.24 -23.88
N VAL A 237 -3.57 7.08 -24.51
CA VAL A 237 -3.97 5.81 -23.92
C VAL A 237 -2.74 4.90 -24.06
N GLU A 238 -2.15 4.48 -22.93
CA GLU A 238 -0.92 3.67 -22.98
C GLU A 238 -0.90 2.61 -21.91
N GLU A 239 -0.31 1.45 -22.24
CA GLU A 239 -0.11 0.36 -21.29
C GLU A 239 1.09 0.65 -20.38
N VAL A 240 1.00 0.29 -19.11
CA VAL A 240 2.15 0.42 -18.20
C VAL A 240 2.57 -0.99 -17.77
N LYS A 241 3.87 -1.28 -17.78
CA LYS A 241 4.40 -2.59 -17.42
C LYS A 241 5.01 -2.59 -16.01
N ALA B 2 53.47 -10.05 -5.53
CA ALA B 2 53.35 -11.28 -4.75
C ALA B 2 51.99 -11.94 -4.96
N ASP B 3 50.90 -11.29 -4.47
CA ASP B 3 49.54 -11.80 -4.55
C ASP B 3 48.49 -10.65 -4.56
N HIS B 4 48.90 -9.41 -4.91
CA HIS B 4 47.94 -8.27 -5.03
C HIS B 4 47.84 -7.90 -6.49
N VAL B 5 46.62 -7.65 -6.97
CA VAL B 5 46.38 -7.24 -8.36
C VAL B 5 45.39 -6.09 -8.40
N LYS B 6 45.22 -5.47 -9.58
CA LYS B 6 44.23 -4.41 -9.71
C LYS B 6 43.72 -4.40 -11.13
N GLY B 7 42.47 -3.95 -11.30
CA GLY B 7 41.87 -3.83 -12.60
C GLY B 7 42.61 -2.88 -13.52
N ASN B 8 42.72 -3.24 -14.81
CA ASN B 8 43.41 -2.39 -15.78
C ASN B 8 42.46 -1.30 -16.39
N GLY B 9 41.22 -1.23 -15.88
CA GLY B 9 40.24 -0.24 -16.31
C GLY B 9 39.50 -0.52 -17.60
N LYS B 10 39.78 -1.67 -18.25
CA LYS B 10 39.11 -2.06 -19.50
C LYS B 10 38.13 -3.20 -19.21
N LEU B 11 36.85 -2.86 -19.11
CA LEU B 11 35.82 -3.85 -18.82
C LEU B 11 35.60 -4.79 -20.00
N SER B 12 35.37 -6.07 -19.68
CA SER B 12 35.04 -7.09 -20.68
C SER B 12 33.98 -8.00 -20.07
N THR B 13 33.14 -8.57 -20.93
CA THR B 13 32.06 -9.45 -20.50
C THR B 13 32.29 -10.86 -21.03
N LYS B 14 32.15 -11.86 -20.13
CA LYS B 14 32.25 -13.28 -20.46
C LYS B 14 30.98 -13.98 -19.98
N LYS B 15 30.35 -14.75 -20.87
CA LYS B 15 29.14 -15.51 -20.55
C LYS B 15 29.42 -17.01 -20.72
N ILE B 16 29.11 -17.82 -19.70
CA ILE B 16 29.30 -19.28 -19.71
C ILE B 16 28.07 -19.96 -19.11
N THR B 17 27.99 -21.27 -19.27
CA THR B 17 26.92 -22.05 -18.66
C THR B 17 27.24 -22.18 -17.18
N ILE B 18 26.19 -22.35 -16.37
CA ILE B 18 26.37 -22.53 -14.92
C ILE B 18 25.50 -23.72 -14.47
N ASP B 19 25.96 -24.43 -13.41
N ASP B 19 25.96 -24.44 -13.43
CA ASP B 19 25.20 -25.54 -12.84
CA ASP B 19 25.23 -25.56 -12.84
C ASP B 19 23.98 -25.03 -12.06
C ASP B 19 24.02 -25.04 -12.04
N ASP B 20 23.14 -25.96 -11.59
CA ASP B 20 21.95 -25.60 -10.81
C ASP B 20 22.33 -25.08 -9.44
N PHE B 21 21.69 -23.97 -9.05
CA PHE B 21 21.81 -23.41 -7.70
C PHE B 21 20.42 -22.96 -7.24
N ASN B 22 20.17 -22.96 -5.93
CA ASN B 22 18.90 -22.46 -5.40
C ASN B 22 19.16 -21.45 -4.26
N ALA B 23 20.42 -21.10 -4.05
CA ALA B 23 20.83 -20.17 -3.00
C ALA B 23 22.04 -19.40 -3.46
N ILE B 24 22.09 -18.12 -3.06
CA ILE B 24 23.18 -17.21 -3.48
C ILE B 24 23.86 -16.59 -2.25
N LYS B 25 25.20 -16.49 -2.29
CA LYS B 25 25.99 -15.86 -1.24
CA LYS B 25 26.01 -15.86 -1.25
C LYS B 25 27.10 -15.04 -1.90
N PHE B 26 27.19 -13.76 -1.55
CA PHE B 26 28.25 -12.93 -2.12
C PHE B 26 28.49 -11.74 -1.22
N ASP B 27 29.75 -11.24 -1.21
N ASP B 27 29.72 -11.24 -1.26
CA ASP B 27 30.22 -10.14 -0.35
CA ASP B 27 30.14 -10.09 -0.51
C ASP B 27 31.16 -9.19 -1.13
C ASP B 27 30.97 -9.21 -1.40
N GLY B 28 30.77 -7.92 -1.26
CA GLY B 28 31.56 -6.94 -2.01
C GLY B 28 30.69 -6.07 -2.87
N VAL B 29 31.30 -5.07 -3.51
CA VAL B 29 30.57 -4.10 -4.32
C VAL B 29 30.32 -4.70 -5.72
N ILE B 30 29.35 -5.63 -5.76
CA ILE B 30 28.96 -6.36 -6.96
C ILE B 30 27.54 -6.01 -7.31
N ASP B 31 27.28 -5.76 -8.61
CA ASP B 31 25.94 -5.54 -9.13
C ASP B 31 25.45 -6.92 -9.54
N PHE B 32 24.61 -7.55 -8.70
CA PHE B 32 24.14 -8.93 -8.98
C PHE B 32 22.70 -8.90 -9.49
N ASN B 33 22.51 -9.28 -10.78
CA ASN B 33 21.22 -9.28 -11.48
C ASN B 33 20.73 -10.71 -11.65
N TYR B 34 19.59 -11.01 -11.03
CA TYR B 34 19.05 -12.36 -11.03
C TYR B 34 17.69 -12.44 -11.67
N GLU B 35 17.45 -13.56 -12.36
CA GLU B 35 16.13 -13.88 -12.89
C GLU B 35 15.80 -15.33 -12.61
N GLN B 36 14.56 -15.57 -12.22
CA GLN B 36 14.07 -16.93 -11.99
CA GLN B 36 14.04 -16.92 -11.98
C GLN B 36 13.43 -17.41 -13.30
N SER B 37 13.95 -18.53 -13.86
CA SER B 37 13.43 -19.06 -15.12
C SER B 37 13.82 -20.51 -15.32
N GLU B 38 13.16 -21.17 -16.28
CA GLU B 38 13.41 -22.56 -16.66
C GLU B 38 14.46 -22.69 -17.79
N SER B 39 14.92 -21.54 -18.33
CA SER B 39 15.91 -21.44 -19.41
C SER B 39 17.26 -22.01 -18.96
N THR B 40 18.03 -22.63 -19.89
CA THR B 40 19.36 -23.15 -19.59
C THR B 40 20.16 -22.12 -18.75
N PRO B 41 20.57 -22.46 -17.52
CA PRO B 41 21.25 -21.46 -16.70
C PRO B 41 22.63 -21.06 -17.25
N HIS B 42 22.85 -19.75 -17.26
CA HIS B 42 24.12 -19.13 -17.67
C HIS B 42 24.50 -18.10 -16.63
N ILE B 43 25.78 -17.73 -16.59
CA ILE B 43 26.31 -16.68 -15.75
C ILE B 43 27.14 -15.75 -16.64
N GLU B 44 26.85 -14.46 -16.57
CA GLU B 44 27.53 -13.43 -17.35
C GLU B 44 28.26 -12.50 -16.38
N ILE B 45 29.58 -12.37 -16.56
CA ILE B 45 30.45 -11.57 -15.70
C ILE B 45 31.05 -10.42 -16.48
N THR B 46 30.90 -9.19 -15.95
CA THR B 46 31.58 -8.00 -16.45
C THR B 46 32.54 -7.52 -15.36
N VAL B 47 33.83 -7.43 -15.69
CA VAL B 47 34.85 -6.96 -14.75
C VAL B 47 36.06 -6.53 -15.61
N ASP B 48 37.06 -5.84 -15.03
CA ASP B 48 38.26 -5.48 -15.80
C ASP B 48 38.79 -6.75 -16.48
N GLU B 49 39.15 -6.65 -17.76
CA GLU B 49 39.55 -7.84 -18.53
C GLU B 49 40.64 -8.69 -17.83
N ASN B 50 41.63 -8.05 -17.19
CA ASN B 50 42.73 -8.78 -16.52
C ASN B 50 42.31 -9.42 -15.20
N LEU B 51 41.05 -9.17 -14.73
CA LEU B 51 40.58 -9.74 -13.46
C LEU B 51 39.73 -11.00 -13.63
N HIS B 52 39.30 -11.34 -14.87
CA HIS B 52 38.51 -12.56 -15.11
C HIS B 52 39.21 -13.83 -14.55
N PRO B 53 40.57 -13.99 -14.57
CA PRO B 53 41.17 -15.19 -13.98
C PRO B 53 40.95 -15.34 -12.48
N TYR B 54 40.61 -14.22 -11.79
CA TYR B 54 40.41 -14.23 -10.34
C TYR B 54 38.93 -14.30 -9.97
N VAL B 55 38.03 -14.31 -10.95
CA VAL B 55 36.59 -14.40 -10.68
C VAL B 55 36.27 -15.83 -10.22
N ASN B 56 35.65 -15.90 -9.03
N ASN B 56 35.70 -15.97 -9.01
CA ASN B 56 35.26 -17.14 -8.39
CA ASN B 56 35.40 -17.30 -8.52
C ASN B 56 33.79 -17.41 -8.61
C ASN B 56 33.91 -17.54 -8.48
N ILE B 57 33.47 -18.55 -9.22
CA ILE B 57 32.09 -19.00 -9.38
C ILE B 57 32.12 -20.40 -8.81
N ASP B 58 31.52 -20.59 -7.64
CA ASP B 58 31.58 -21.87 -6.94
C ASP B 58 30.17 -22.32 -6.50
N ILE B 59 29.81 -23.56 -6.81
CA ILE B 59 28.51 -24.10 -6.38
C ILE B 59 28.79 -25.34 -5.52
N GLN B 60 28.33 -25.30 -4.27
CA GLN B 60 28.46 -26.41 -3.31
C GLN B 60 27.10 -26.64 -2.72
N ASP B 61 26.55 -27.88 -2.87
CA ASP B 61 25.23 -28.25 -2.33
C ASP B 61 24.16 -27.20 -2.78
N ARG B 62 24.19 -26.86 -4.10
CA ARG B 62 23.30 -25.91 -4.79
C ARG B 62 23.40 -24.45 -4.24
N VAL B 63 24.48 -24.13 -3.50
CA VAL B 63 24.72 -22.77 -2.99
C VAL B 63 25.76 -22.14 -3.90
N LEU B 64 25.39 -21.06 -4.57
CA LEU B 64 26.29 -20.34 -5.44
C LEU B 64 26.98 -19.22 -4.67
N THR B 65 28.32 -19.22 -4.72
CA THR B 65 29.17 -18.15 -4.17
C THR B 65 29.86 -17.48 -5.35
N VAL B 66 29.83 -16.14 -5.39
CA VAL B 66 30.54 -15.36 -6.41
C VAL B 66 31.43 -14.35 -5.68
N GLY B 67 32.66 -14.20 -6.15
CA GLY B 67 33.58 -13.20 -5.62
C GLY B 67 34.91 -13.34 -6.32
N PHE B 68 35.99 -13.05 -5.61
CA PHE B 68 37.34 -13.23 -6.14
C PHE B 68 38.05 -14.36 -5.42
N LYS B 69 39.07 -14.94 -6.09
N LYS B 69 39.06 -14.97 -6.09
CA LYS B 69 39.92 -16.01 -5.56
CA LYS B 69 39.91 -16.04 -5.57
C LYS B 69 41.30 -15.93 -6.21
C LYS B 69 41.27 -16.06 -6.26
N GLY B 70 42.31 -16.42 -5.51
CA GLY B 70 43.66 -16.53 -6.06
C GLY B 70 44.58 -15.32 -6.00
N ALA B 71 44.07 -14.18 -5.52
CA ALA B 71 44.82 -12.93 -5.36
C ALA B 71 43.98 -11.98 -4.55
N LYS B 72 44.59 -10.99 -3.93
CA LYS B 72 43.88 -9.91 -3.25
C LYS B 72 43.65 -8.84 -4.32
N VAL B 73 42.40 -8.51 -4.61
CA VAL B 73 42.08 -7.52 -5.65
C VAL B 73 42.00 -6.17 -4.95
N ASP B 74 43.01 -5.33 -5.18
CA ASP B 74 43.08 -4.01 -4.52
C ASP B 74 42.05 -3.03 -5.07
N HIS B 75 41.70 -3.18 -6.36
CA HIS B 75 40.73 -2.32 -7.02
C HIS B 75 40.20 -2.96 -8.27
N PHE B 76 38.88 -2.79 -8.48
CA PHE B 76 38.23 -3.20 -9.72
C PHE B 76 37.36 -2.04 -10.18
N THR B 77 37.14 -1.92 -11.49
CA THR B 77 36.38 -0.79 -12.05
C THR B 77 34.86 -0.99 -11.79
N LYS B 78 34.35 -2.18 -12.10
CA LYS B 78 32.96 -2.56 -11.90
C LYS B 78 32.92 -4.06 -11.90
N PHE B 79 31.93 -4.66 -11.20
CA PHE B 79 31.79 -6.11 -11.14
C PHE B 79 30.30 -6.42 -11.26
N ILE B 80 29.88 -6.87 -12.46
CA ILE B 80 28.48 -7.17 -12.74
C ILE B 80 28.31 -8.66 -12.91
N VAL B 81 27.28 -9.21 -12.27
CA VAL B 81 26.91 -10.62 -12.38
C VAL B 81 25.48 -10.66 -12.92
N LYS B 82 25.25 -11.42 -13.98
CA LYS B 82 23.90 -11.64 -14.51
C LYS B 82 23.69 -13.16 -14.59
N THR B 83 22.73 -13.72 -13.82
CA THR B 83 22.54 -15.17 -13.86
C THR B 83 21.06 -15.54 -13.62
N ASN B 84 20.74 -16.82 -13.82
CA ASN B 84 19.38 -17.31 -13.62
C ASN B 84 19.40 -18.70 -13.04
N SER B 85 18.27 -19.10 -12.43
CA SER B 85 18.07 -20.45 -11.92
C SER B 85 16.58 -20.75 -11.90
N LYS B 86 16.24 -22.04 -11.84
CA LYS B 86 14.85 -22.43 -11.79
C LYS B 86 14.23 -22.10 -10.42
N TRP B 87 15.03 -22.28 -9.36
CA TRP B 87 14.56 -22.07 -7.99
C TRP B 87 15.49 -21.14 -7.23
N LEU B 88 14.91 -20.40 -6.26
CA LEU B 88 15.69 -19.54 -5.36
C LEU B 88 15.05 -19.55 -3.99
N LYS B 89 15.74 -20.11 -3.00
CA LYS B 89 15.18 -20.17 -1.66
C LYS B 89 15.89 -19.24 -0.69
N GLU B 90 17.13 -18.79 -1.05
CA GLU B 90 17.90 -17.97 -0.11
C GLU B 90 18.91 -17.07 -0.79
N VAL B 91 19.05 -15.85 -0.25
CA VAL B 91 20.06 -14.88 -0.70
C VAL B 91 20.74 -14.32 0.53
N LYS B 92 22.09 -14.31 0.53
CA LYS B 92 22.90 -13.71 1.58
CA LYS B 92 22.86 -13.67 1.58
C LYS B 92 23.78 -12.68 0.88
N ALA B 93 23.49 -11.39 1.09
CA ALA B 93 24.24 -10.31 0.45
C ALA B 93 24.91 -9.42 1.50
N SER B 94 26.17 -9.01 1.25
N SER B 94 26.12 -8.95 1.19
CA SER B 94 26.93 -8.16 2.18
CA SER B 94 26.89 -8.11 2.12
C SER B 94 27.99 -7.33 1.45
C SER B 94 27.84 -7.19 1.37
N GLY B 95 28.52 -6.32 2.14
CA GLY B 95 29.58 -5.45 1.63
C GLY B 95 29.24 -4.46 0.55
N ASN B 96 28.09 -3.82 0.69
CA ASN B 96 27.65 -2.74 -0.21
C ASN B 96 27.39 -3.26 -1.66
N ALA B 97 26.93 -4.52 -1.74
CA ALA B 97 26.48 -5.13 -3.00
C ALA B 97 25.10 -4.59 -3.40
N ASN B 98 24.74 -4.77 -4.67
CA ASN B 98 23.42 -4.45 -5.19
CA ASN B 98 23.40 -4.45 -5.14
C ASN B 98 22.79 -5.72 -5.71
N PHE B 99 21.83 -6.31 -4.98
CA PHE B 99 21.15 -7.53 -5.47
C PHE B 99 19.82 -7.09 -6.06
N ILE B 100 19.60 -7.41 -7.33
CA ILE B 100 18.34 -7.08 -7.98
C ILE B 100 17.70 -8.33 -8.59
N ALA B 101 16.43 -8.60 -8.24
CA ALA B 101 15.66 -9.67 -8.87
C ALA B 101 14.78 -9.01 -9.94
N ASN B 102 15.06 -9.32 -11.23
CA ASN B 102 14.37 -8.75 -12.38
C ASN B 102 13.28 -9.66 -12.96
N SER B 103 12.77 -10.54 -12.13
CA SER B 103 11.70 -11.43 -12.50
C SER B 103 10.79 -11.62 -11.31
N PRO B 104 9.56 -12.13 -11.50
CA PRO B 104 8.78 -12.56 -10.34
C PRO B 104 9.52 -13.70 -9.64
N LEU B 105 9.24 -13.92 -8.36
CA LEU B 105 9.84 -15.00 -7.59
C LEU B 105 8.76 -15.87 -6.95
N LYS B 106 8.94 -17.19 -7.04
CA LYS B 106 7.99 -18.16 -6.47
CA LYS B 106 7.99 -18.15 -6.45
C LYS B 106 8.74 -19.22 -5.67
N GLY B 107 8.01 -19.97 -4.87
CA GLY B 107 8.58 -21.05 -4.08
C GLY B 107 7.91 -21.20 -2.74
N ASP B 108 8.21 -22.30 -2.04
CA ASP B 108 7.67 -22.54 -0.70
C ASP B 108 8.18 -21.47 0.26
N GLU B 109 9.48 -21.13 0.17
CA GLU B 109 10.12 -20.19 1.07
C GLU B 109 11.19 -19.38 0.40
N LEU B 110 11.31 -18.11 0.81
CA LEU B 110 12.38 -17.26 0.35
C LEU B 110 12.92 -16.53 1.56
N LYS B 111 14.21 -16.74 1.86
CA LYS B 111 14.90 -16.10 2.97
C LYS B 111 15.98 -15.18 2.41
N ILE B 112 15.98 -13.91 2.86
CA ILE B 112 17.00 -12.96 2.42
C ILE B 112 17.71 -12.39 3.64
N ASN B 113 19.04 -12.37 3.63
CA ASN B 113 19.84 -11.67 4.64
C ASN B 113 20.64 -10.61 3.95
N ALA B 114 20.38 -9.34 4.27
CA ALA B 114 21.07 -8.21 3.68
C ALA B 114 21.87 -7.53 4.76
N ASN B 115 23.20 -7.55 4.61
CA ASN B 115 24.09 -6.99 5.62
C ASN B 115 24.99 -5.91 5.09
N SER B 116 25.73 -5.26 6.02
CA SER B 116 26.78 -4.28 5.74
C SER B 116 26.55 -3.46 4.46
N ASN B 117 25.54 -2.53 4.52
CA ASN B 117 25.24 -1.49 3.52
C ASN B 117 24.76 -1.96 2.17
N CYS B 118 24.42 -3.25 2.01
CA CYS B 118 23.86 -3.78 0.76
CA CYS B 118 24.00 -3.66 0.68
C CYS B 118 22.57 -3.13 0.40
N LEU B 119 22.14 -3.26 -0.87
CA LEU B 119 20.84 -2.86 -1.35
C LEU B 119 20.23 -4.06 -2.04
N VAL B 120 19.07 -4.53 -1.56
CA VAL B 120 18.33 -5.65 -2.15
C VAL B 120 17.04 -5.10 -2.73
N GLN B 121 16.82 -5.29 -4.04
CA GLN B 121 15.61 -4.83 -4.70
C GLN B 121 14.91 -6.00 -5.38
N LEU B 122 13.71 -6.35 -4.89
CA LEU B 122 12.89 -7.42 -5.50
C LEU B 122 11.86 -6.67 -6.30
N LYS B 123 12.15 -6.47 -7.59
CA LYS B 123 11.38 -5.55 -8.43
C LYS B 123 10.03 -6.07 -8.94
N GLN B 124 9.81 -7.39 -8.96
CA GLN B 124 8.55 -7.95 -9.46
C GLN B 124 7.91 -8.85 -8.39
N LYS B 125 6.62 -9.20 -8.60
CA LYS B 125 5.84 -9.92 -7.60
C LYS B 125 6.55 -11.15 -7.01
N VAL B 126 6.64 -11.18 -5.67
CA VAL B 126 7.18 -12.29 -4.88
C VAL B 126 5.97 -13.06 -4.33
N GLU B 127 5.78 -14.32 -4.73
CA GLU B 127 4.64 -15.12 -4.27
C GLU B 127 5.19 -16.41 -3.67
N VAL B 128 5.24 -16.47 -2.36
CA VAL B 128 5.85 -17.58 -1.63
C VAL B 128 4.99 -17.96 -0.42
N GLY B 129 5.20 -19.15 0.13
CA GLY B 129 4.50 -19.59 1.32
C GLY B 129 5.00 -18.83 2.54
N LYS B 130 6.33 -18.62 2.62
CA LYS B 130 6.96 -17.92 3.73
C LYS B 130 8.03 -16.99 3.21
N LEU B 131 7.99 -15.72 3.62
CA LEU B 131 8.96 -14.70 3.19
C LEU B 131 9.67 -14.23 4.44
N ASP B 132 10.98 -14.49 4.52
CA ASP B 132 11.76 -14.20 5.71
C ASP B 132 12.88 -13.21 5.36
N LEU B 133 12.67 -11.95 5.73
CA LEU B 133 13.56 -10.84 5.37
C LEU B 133 14.31 -10.33 6.55
N ASN B 134 15.65 -10.22 6.40
CA ASN B 134 16.54 -9.81 7.48
C ASN B 134 17.50 -8.76 7.01
N VAL B 135 17.60 -7.66 7.77
CA VAL B 135 18.52 -6.57 7.44
C VAL B 135 19.40 -6.27 8.65
N SER B 136 20.67 -5.94 8.39
CA SER B 136 21.57 -5.47 9.46
C SER B 136 22.64 -4.58 8.82
N GLY B 137 23.47 -3.94 9.66
CA GLY B 137 24.58 -3.12 9.19
C GLY B 137 24.23 -2.04 8.19
N SER B 138 23.09 -1.37 8.40
CA SER B 138 22.59 -0.26 7.58
C SER B 138 22.28 -0.66 6.14
N ALA B 139 22.01 -1.98 5.90
CA ALA B 139 21.59 -2.42 4.58
C ALA B 139 20.14 -1.95 4.35
N ASN B 140 19.70 -1.95 3.09
CA ASN B 140 18.36 -1.52 2.72
C ASN B 140 17.71 -2.53 1.81
N MSE B 141 16.43 -2.75 2.01
CA MSE B 141 15.70 -3.67 1.16
C MSE B 141 14.42 -3.04 0.65
O MSE B 141 13.73 -2.34 1.40
CB MSE B 141 15.39 -4.96 1.88
CG MSE B 141 15.01 -6.08 0.94
SE MSE B 141 14.51 -7.60 1.98
CE MSE B 141 16.12 -7.97 2.72
N VAL B 142 14.14 -3.22 -0.65
CA VAL B 142 12.91 -2.69 -1.27
C VAL B 142 12.21 -3.86 -1.97
N VAL B 143 10.97 -4.15 -1.56
CA VAL B 143 10.15 -5.22 -2.14
C VAL B 143 8.92 -4.52 -2.74
N ASN B 144 8.83 -4.52 -4.08
CA ASN B 144 7.75 -3.82 -4.77
C ASN B 144 6.36 -4.43 -4.51
N GLU B 145 6.26 -5.77 -4.47
CA GLU B 145 4.97 -6.43 -4.28
C GLU B 145 5.18 -7.83 -3.79
N LEU B 146 4.45 -8.21 -2.72
CA LEU B 146 4.54 -9.55 -2.14
C LEU B 146 3.18 -10.17 -1.83
N LYS B 147 3.13 -11.50 -1.90
CA LYS B 147 1.94 -12.30 -1.57
C LYS B 147 2.47 -13.50 -0.82
N THR B 148 2.16 -13.59 0.48
CA THR B 148 2.68 -14.70 1.27
C THR B 148 1.69 -15.12 2.34
N ASP B 149 1.93 -16.31 2.95
CA ASP B 149 1.14 -16.75 4.07
C ASP B 149 1.80 -16.13 5.32
N LYS B 150 3.05 -16.53 5.59
CA LYS B 150 3.83 -15.99 6.71
C LYS B 150 4.87 -14.99 6.23
N LEU B 151 4.88 -13.80 6.83
CA LEU B 151 5.88 -12.77 6.58
C LEU B 151 6.69 -12.54 7.86
N GLU B 152 8.02 -12.58 7.74
CA GLU B 152 8.94 -12.28 8.83
C GLU B 152 9.85 -11.19 8.33
N CYS B 153 9.87 -10.09 9.04
CA CYS B 153 10.59 -8.89 8.68
CA CYS B 153 10.68 -8.91 8.72
C CYS B 153 11.41 -8.45 9.91
N SER B 154 12.77 -8.59 9.87
CA SER B 154 13.62 -8.26 11.01
C SER B 154 14.77 -7.34 10.65
N ILE B 155 15.00 -6.35 11.49
CA ILE B 155 16.14 -5.44 11.37
C ILE B 155 16.96 -5.56 12.64
N ASN B 156 18.29 -5.75 12.50
N ASN B 156 18.29 -5.73 12.48
CA ASN B 156 19.18 -5.85 13.66
CA ASN B 156 19.22 -5.82 13.60
C ASN B 156 20.29 -4.77 13.58
C ASN B 156 20.24 -4.69 13.52
N GLY B 157 20.31 -3.86 14.56
CA GLY B 157 21.26 -2.76 14.62
C GLY B 157 20.84 -1.50 13.89
N SER B 158 20.71 -1.56 12.55
CA SER B 158 20.30 -0.45 11.71
C SER B 158 19.96 -0.94 10.32
N GLY B 159 19.25 -0.13 9.58
CA GLY B 159 18.86 -0.46 8.21
C GLY B 159 17.39 -0.25 7.97
N THR B 160 16.94 -0.45 6.71
CA THR B 160 15.52 -0.24 6.38
C THR B 160 14.95 -1.37 5.53
N ILE B 161 13.64 -1.62 5.70
CA ILE B 161 12.90 -2.59 4.91
C ILE B 161 11.66 -1.87 4.42
N ASN B 162 11.55 -1.69 3.10
CA ASN B 162 10.39 -1.04 2.50
C ASN B 162 9.61 -2.07 1.69
N LEU B 163 8.40 -2.40 2.18
CA LEU B 163 7.49 -3.36 1.55
C LEU B 163 6.38 -2.52 0.99
N LYS B 164 6.49 -2.20 -0.30
CA LYS B 164 5.61 -1.25 -0.99
C LYS B 164 4.14 -1.66 -1.08
N ALA B 165 3.87 -2.95 -1.37
CA ALA B 165 2.51 -3.42 -1.61
C ALA B 165 2.39 -4.89 -1.36
N GLY B 166 1.18 -5.32 -1.12
CA GLY B 166 0.92 -6.75 -0.99
C GLY B 166 0.09 -7.21 0.16
N ASN B 167 0.15 -8.51 0.40
CA ASN B 167 -0.66 -9.20 1.42
C ASN B 167 0.10 -10.33 2.09
N ALA B 168 -0.12 -10.47 3.38
CA ALA B 168 0.37 -11.58 4.19
C ALA B 168 -0.78 -12.01 5.11
N GLU B 169 -0.82 -13.28 5.50
CA GLU B 169 -1.85 -13.76 6.42
C GLU B 169 -1.44 -13.44 7.85
N GLU B 170 -0.13 -13.58 8.13
CA GLU B 170 0.49 -13.32 9.43
C GLU B 170 1.83 -12.67 9.24
N ALA B 171 2.14 -11.65 10.05
CA ALA B 171 3.44 -10.99 9.94
C ALA B 171 4.07 -10.80 11.30
N ASP B 172 5.38 -11.08 11.39
CA ASP B 172 6.19 -10.81 12.57
C ASP B 172 7.19 -9.76 12.17
N TYR B 173 7.03 -8.55 12.72
CA TYR B 173 7.92 -7.42 12.44
C TYR B 173 8.78 -7.20 13.66
N SER B 174 10.10 -7.12 13.48
N SER B 174 10.10 -7.12 13.48
CA SER B 174 10.98 -6.88 14.62
CA SER B 174 11.00 -6.90 14.63
C SER B 174 12.11 -5.93 14.28
C SER B 174 12.13 -5.95 14.29
N ILE B 175 12.49 -5.08 15.24
CA ILE B 175 13.58 -4.12 15.08
C ILE B 175 14.38 -4.21 16.36
N THR B 176 15.69 -4.51 16.25
CA THR B 176 16.58 -4.56 17.42
C THR B 176 17.52 -3.34 17.38
N THR B 177 17.47 -2.46 18.42
CA THR B 177 18.31 -1.28 18.61
C THR B 177 17.85 -0.08 17.76
N ASP B 178 17.84 -0.24 16.41
CA ASP B 178 17.44 0.82 15.50
C ASP B 178 17.11 0.24 14.14
N GLY B 179 16.38 1.02 13.36
CA GLY B 179 15.95 0.60 12.03
C GLY B 179 14.56 1.11 11.70
N GLU B 180 14.17 0.98 10.43
CA GLU B 180 12.87 1.44 9.96
C GLU B 180 12.19 0.37 9.11
N ILE B 181 10.95 0.04 9.45
CA ILE B 181 10.13 -0.84 8.61
C ILE B 181 9.03 0.04 8.02
N MSE B 182 8.94 0.07 6.68
N MSE B 182 8.92 0.08 6.68
CA MSE B 182 7.91 0.82 5.96
CA MSE B 182 7.89 0.83 5.99
C MSE B 182 7.00 -0.19 5.31
C MSE B 182 6.98 -0.16 5.30
O MSE B 182 7.33 -0.72 4.25
O MSE B 182 7.29 -0.63 4.21
CB MSE B 182 8.55 1.78 4.93
CB MSE B 182 8.48 1.87 5.00
CG MSE B 182 9.21 2.99 5.58
CG MSE B 182 9.46 2.83 5.66
SE MSE B 182 10.60 3.72 4.43
SE MSE B 182 11.26 2.13 5.58
CE MSE B 182 11.95 2.41 4.71
CE MSE B 182 11.92 3.16 4.02
N ALA B 183 5.90 -0.54 6.00
CA ALA B 183 5.00 -1.57 5.51
C ALA B 183 3.53 -1.20 5.62
N PHE B 184 3.17 0.11 5.50
CA PHE B 184 1.75 0.50 5.46
C PHE B 184 1.06 -0.15 4.23
N GLY B 185 1.82 -0.41 3.16
CA GLY B 185 1.31 -0.99 1.91
C GLY B 185 0.98 -2.48 1.95
N VAL B 186 1.33 -3.16 3.06
CA VAL B 186 1.08 -4.60 3.17
C VAL B 186 -0.06 -4.85 4.16
N ALA B 187 -1.19 -5.34 3.64
CA ALA B 187 -2.37 -5.66 4.48
C ALA B 187 -2.17 -7.01 5.13
N VAL B 188 -2.24 -7.06 6.46
CA VAL B 188 -2.04 -8.32 7.20
C VAL B 188 -3.09 -8.46 8.29
N PRO B 189 -3.88 -9.55 8.34
CA PRO B 189 -4.86 -9.68 9.43
C PRO B 189 -4.22 -9.83 10.83
N GLU B 190 -3.19 -10.68 10.98
CA GLU B 190 -2.55 -10.94 12.28
C GLU B 190 -1.11 -10.43 12.32
N VAL B 191 -0.85 -9.39 13.13
CA VAL B 191 0.50 -8.81 13.20
C VAL B 191 1.07 -8.88 14.62
N ASN B 192 2.37 -9.22 14.72
CA ASN B 192 3.16 -9.19 15.94
C ASN B 192 4.34 -8.25 15.67
N CYS B 193 4.40 -7.10 16.38
CA CYS B 193 5.45 -6.10 16.17
C CYS B 193 6.23 -5.88 17.47
N LYS B 194 7.55 -6.13 17.43
CA LYS B 194 8.43 -5.99 18.59
C LYS B 194 9.59 -5.08 18.26
N ILE B 195 9.81 -4.05 19.07
CA ILE B 195 10.93 -3.12 18.88
C ILE B 195 11.71 -2.94 20.19
N THR B 196 13.04 -3.00 20.11
CA THR B 196 13.90 -2.66 21.26
C THR B 196 14.70 -1.46 20.80
N GLY B 197 14.91 -0.50 21.69
CA GLY B 197 15.67 0.68 21.30
C GLY B 197 14.80 1.72 20.61
N LYS B 198 15.29 2.33 19.53
CA LYS B 198 14.59 3.46 18.89
C LYS B 198 14.07 3.21 17.48
N GLY B 199 13.86 1.96 17.13
CA GLY B 199 13.34 1.63 15.80
C GLY B 199 11.93 2.15 15.57
N SER B 200 11.55 2.30 14.29
CA SER B 200 10.21 2.75 13.94
C SER B 200 9.58 1.80 12.92
N ALA B 201 8.31 1.46 13.11
CA ALA B 201 7.59 0.53 12.24
C ALA B 201 6.27 1.13 11.78
N GLN B 202 6.01 1.07 10.47
CA GLN B 202 4.76 1.52 9.83
C GLN B 202 4.09 0.27 9.34
N ILE B 203 2.93 -0.08 9.91
CA ILE B 203 2.31 -1.38 9.60
C ILE B 203 0.80 -1.25 9.34
N HIS B 204 0.22 -2.30 8.75
CA HIS B 204 -1.19 -2.25 8.45
C HIS B 204 -1.87 -3.56 8.90
N PRO B 205 -2.08 -3.72 10.24
CA PRO B 205 -2.84 -4.87 10.71
C PRO B 205 -4.32 -4.64 10.36
N THR B 206 -5.01 -5.68 9.88
CA THR B 206 -6.41 -5.51 9.49
C THR B 206 -7.36 -6.26 10.45
N ASP B 207 -6.83 -6.97 11.46
CA ASP B 207 -7.70 -7.65 12.42
C ASP B 207 -7.14 -7.56 13.84
N ASN B 208 -5.90 -8.02 14.05
CA ASN B 208 -5.29 -8.02 15.37
C ASN B 208 -3.83 -7.61 15.34
N LEU B 209 -3.41 -6.83 16.34
CA LEU B 209 -2.03 -6.40 16.50
C LEU B 209 -1.54 -6.61 17.92
N LYS B 210 -0.40 -7.30 18.05
N LYS B 210 -0.41 -7.32 18.05
CA LYS B 210 0.28 -7.51 19.33
CA LYS B 210 0.27 -7.51 19.33
C LYS B 210 1.55 -6.70 19.26
C LYS B 210 1.53 -6.67 19.22
N ALA B 211 1.65 -5.63 20.06
CA ALA B 211 2.79 -4.71 20.03
C ALA B 211 3.60 -4.70 21.31
N THR B 212 4.94 -4.80 21.18
CA THR B 212 5.85 -4.71 22.32
C THR B 212 6.97 -3.74 21.98
N ILE B 213 7.18 -2.72 22.81
CA ILE B 213 8.29 -1.82 22.64
C ILE B 213 9.08 -1.77 23.95
N VAL B 214 10.42 -2.01 23.87
CA VAL B 214 11.30 -1.85 25.03
C VAL B 214 12.30 -0.77 24.60
N GLY B 215 11.99 0.46 24.97
CA GLY B 215 12.77 1.64 24.61
C GLY B 215 11.87 2.78 24.17
N LYS B 216 12.44 3.70 23.36
CA LYS B 216 11.76 4.91 22.89
CA LYS B 216 11.76 4.91 22.90
C LYS B 216 11.20 4.79 21.48
N GLY B 217 11.30 3.60 20.89
CA GLY B 217 10.80 3.29 19.55
C GLY B 217 9.33 3.55 19.36
N ASN B 218 8.88 3.53 18.09
N ASN B 218 8.88 3.58 18.08
CA ASN B 218 7.46 3.77 17.88
CA ASN B 218 7.49 3.91 17.78
C ASN B 218 6.88 2.86 16.82
C ASN B 218 6.85 2.99 16.73
N ILE B 219 5.61 2.55 16.99
CA ILE B 219 4.83 1.72 16.08
C ILE B 219 3.68 2.59 15.63
N ARG B 220 3.53 2.73 14.31
CA ARG B 220 2.39 3.48 13.74
C ARG B 220 1.62 2.52 12.87
N TYR B 221 0.32 2.39 13.13
CA TYR B 221 -0.47 1.41 12.41
C TYR B 221 -1.73 1.98 11.78
N LYS B 222 -2.07 1.47 10.60
CA LYS B 222 -3.32 1.84 9.93
C LYS B 222 -4.32 0.76 10.26
N GLY B 223 -5.48 1.22 10.68
CA GLY B 223 -6.59 0.40 11.15
C GLY B 223 -7.84 0.44 10.28
N PRO B 224 -8.97 -0.11 10.76
CA PRO B 224 -9.25 -0.62 12.12
C PRO B 224 -8.61 -1.97 12.45
N THR B 225 -8.20 -2.11 13.72
CA THR B 225 -7.61 -3.34 14.25
C THR B 225 -7.73 -3.36 15.79
N ALA B 226 -7.84 -4.56 16.37
CA ALA B 226 -7.77 -4.72 17.82
C ALA B 226 -6.29 -4.62 18.19
N VAL B 227 -5.97 -4.03 19.35
CA VAL B 227 -4.57 -3.86 19.74
C VAL B 227 -4.33 -4.29 21.19
N GLN B 228 -3.28 -5.08 21.38
N GLN B 228 -3.28 -5.08 21.40
CA GLN B 228 -2.73 -5.52 22.67
CA GLN B 228 -2.78 -5.49 22.73
C GLN B 228 -1.32 -4.97 22.70
C GLN B 228 -1.34 -5.02 22.76
N GLN B 229 -0.97 -4.18 23.72
CA GLN B 229 0.40 -3.62 23.76
C GLN B 229 1.06 -3.66 25.12
N LYS B 230 2.40 -3.71 25.09
CA LYS B 230 3.23 -3.66 26.29
C LYS B 230 4.41 -2.76 25.95
N VAL B 231 4.50 -1.61 26.64
CA VAL B 231 5.58 -0.64 26.42
C VAL B 231 6.35 -0.45 27.72
N ILE B 232 7.68 -0.66 27.63
CA ILE B 232 8.65 -0.47 28.71
CA ILE B 232 8.61 -0.43 28.73
C ILE B 232 9.54 0.66 28.23
N GLY B 233 9.24 1.89 28.64
CA GLY B 233 9.99 3.06 28.20
C GLY B 233 9.09 4.17 27.69
N LYS B 234 9.64 5.12 26.94
N LYS B 234 9.67 5.09 26.92
CA LYS B 234 8.83 6.26 26.46
CA LYS B 234 9.03 6.29 26.38
C LYS B 234 8.23 6.05 25.05
C LYS B 234 8.50 6.12 24.94
N GLY B 235 8.46 4.88 24.46
CA GLY B 235 7.94 4.52 23.15
C GLY B 235 6.43 4.55 23.06
N THR B 236 5.92 4.65 21.83
CA THR B 236 4.47 4.75 21.61
C THR B 236 3.97 3.84 20.49
N VAL B 237 2.72 3.37 20.66
CA VAL B 237 1.94 2.59 19.71
C VAL B 237 0.74 3.47 19.42
N GLU B 238 0.58 3.95 18.17
CA GLU B 238 -0.54 4.84 17.83
C GLU B 238 -1.10 4.57 16.45
N GLU B 239 -2.41 4.74 16.31
CA GLU B 239 -3.13 4.56 15.06
C GLU B 239 -2.95 5.78 14.19
N VAL B 240 -2.83 5.56 12.88
CA VAL B 240 -2.79 6.62 11.88
C VAL B 240 -4.22 6.72 11.31
N LYS B 241 -4.97 7.74 11.73
CA LYS B 241 -6.35 7.92 11.29
C LYS B 241 -6.41 8.46 9.84
C1 EDO C . -20.86 22.02 10.82
O1 EDO C . -20.82 23.24 10.10
C2 EDO C . -22.30 21.47 10.81
O2 EDO C . -22.78 21.41 9.49
C1 EDO D . -8.57 -11.27 -13.41
O1 EDO D . -7.76 -10.51 -12.54
C2 EDO D . -10.06 -10.94 -13.16
O2 EDO D . -10.48 -9.85 -13.98
C1 EDO E . -20.66 -9.07 -4.93
O1 EDO E . -20.38 -10.47 -4.96
C2 EDO E . -21.15 -8.63 -6.32
O2 EDO E . -20.18 -9.00 -7.31
C1 EDO F . -4.11 15.88 -13.29
O1 EDO F . -3.68 14.53 -13.36
C2 EDO F . -4.78 16.16 -11.92
O2 EDO F . -3.80 16.30 -10.92
C1 EDO G . -11.55 -6.48 11.29
O1 EDO G . -11.63 -7.30 12.44
C2 EDO G . -11.48 -4.98 11.70
O2 EDO G . -10.33 -4.71 12.47
C1 EDO H . 14.77 5.35 12.98
O1 EDO H . 13.39 5.45 13.27
C2 EDO H . 15.55 6.40 13.79
O2 EDO H . 15.47 6.09 15.17
#